data_4WE4
#
_entry.id   4WE4
#
_cell.length_a   155.506
_cell.length_b   155.506
_cell.length_c   155.506
_cell.angle_alpha   90.00
_cell.angle_beta   90.00
_cell.angle_gamma   90.00
#
_symmetry.space_group_name_H-M   'I 21 3'
#
loop_
_entity.id
_entity.type
_entity.pdbx_description
1 polymer 'Hemagglutinin HA1 chain'
2 polymer 'Hemagglutinin HA2 chain'
3 branched 2-acetamido-2-deoxy-beta-D-glucopyranose-(1-2)-alpha-D-mannopyranose-(1-6)-[alpha-D-mannopyranose-(1-3)]beta-D-mannopyranose-(1-4)-2-acetamido-2-deoxy-beta-D-glucopyranose-(1-4)-2-acetamido-2-deoxy-beta-D-glucopyranose
4 branched alpha-D-mannopyranose-(1-3)-[alpha-D-mannopyranose-(1-6)]beta-D-mannopyranose-(1-4)-2-acetamido-2-deoxy-beta-D-glucopyranose-(1-4)-2-acetamido-2-deoxy-beta-D-glucopyranose
5 branched beta-D-mannopyranose-(1-4)-2-acetamido-2-deoxy-beta-D-glucopyranose-(1-4)-2-acetamido-2-deoxy-beta-D-glucopyranose
6 branched 2-acetamido-2-deoxy-beta-D-glucopyranose-(1-4)-2-acetamido-2-deoxy-beta-D-glucopyranose
7 non-polymer 2-acetamido-2-deoxy-beta-D-glucopyranose
8 non-polymer DI(HYDROXYETHYL)ETHER
9 non-polymer 3,6,9,12,15,18,21,24-OCTAOXAHEXACOSAN-1-OL
10 water water
#
loop_
_entity_poly.entity_id
_entity_poly.type
_entity_poly.pdbx_seq_one_letter_code
_entity_poly.pdbx_strand_id
1 'polypeptide(L)'
;STATLCLGHHAVPNGTLVKTITDDQIEVTNATELVQSSSTGKICNNPHRILDGIDCTLIDALLGDPHCDVFQNETWDLFV
ERSKAFSNCYPYDVPDYASLRSLVASSGTLEFITEGFTWTGVTQNGGSNACKRGPGSGFFSRLNWLTKSGSTYPVLNVTM
PNNDNFDKLYIWGIHHPSTNQEQTSLYVQASGRVTVSTRRSQQTIIPNIGSRPWVRGLSSRISIYWTIVKPGDVLVINSN
GNLIAPRGYFKMRTGKSSIMRSDAPIDTCISECITPNGSIPNDKPFQNVNKITYGACPKYVKQNTLKLATGMRNVPEKQT
Q
;
A
2 'polypeptide(L)'
;GLFGAIAGFIENGWEGMIDGWYGFRHQNSEGTGQAADLKSTQAAIDQINGKLNRVIEKTNEKFHQIEKEFSEVEGRIQDL
EKYVEDTKIDLWSYNAELLVALENQHTIDLTDSEMNKLFEKTRRQLRENAEEMGNGCFKIYHKCDNACIESIRNGTYDHD
VYRNEALNNRFQ
;
B
#
# COMPACT_ATOMS: atom_id res chain seq x y z
N SER A 1 -56.61 -25.33 -26.63
CA SER A 1 -55.90 -24.10 -26.26
C SER A 1 -54.66 -24.41 -25.41
N THR A 2 -53.57 -23.70 -25.71
CA THR A 2 -52.30 -23.93 -25.02
C THR A 2 -51.73 -22.63 -24.45
N ALA A 3 -50.48 -22.70 -23.98
CA ALA A 3 -49.78 -21.53 -23.47
C ALA A 3 -48.27 -21.70 -23.65
N THR A 4 -47.56 -20.58 -23.71
CA THR A 4 -46.11 -20.59 -23.90
C THR A 4 -45.42 -19.87 -22.74
N LEU A 5 -44.62 -20.61 -21.98
CA LEU A 5 -43.87 -20.01 -20.87
C LEU A 5 -42.37 -20.04 -21.16
N CYS A 6 -41.79 -18.86 -21.34
CA CYS A 6 -40.37 -18.74 -21.64
C CYS A 6 -39.56 -18.34 -20.42
N LEU A 7 -38.40 -18.95 -20.27
CA LEU A 7 -37.46 -18.57 -19.21
C LEU A 7 -36.25 -17.88 -19.84
N GLY A 8 -35.82 -16.79 -19.21
CA GLY A 8 -34.73 -16.00 -19.76
C GLY A 8 -34.09 -15.12 -18.71
N HIS A 9 -32.95 -14.53 -19.06
CA HIS A 9 -32.21 -13.68 -18.14
C HIS A 9 -32.10 -12.28 -18.71
N HIS A 10 -31.69 -11.33 -17.88
CA HIS A 10 -31.58 -9.95 -18.31
C HIS A 10 -30.31 -9.70 -19.14
N ALA A 11 -30.26 -8.54 -19.78
CA ALA A 11 -29.09 -8.08 -20.49
C ALA A 11 -29.16 -6.57 -20.50
N VAL A 12 -28.01 -5.91 -20.69
CA VAL A 12 -27.96 -4.46 -20.67
C VAL A 12 -27.47 -3.91 -22.01
N PRO A 13 -27.74 -2.62 -22.29
CA PRO A 13 -27.19 -2.00 -23.50
C PRO A 13 -25.76 -1.51 -23.30
N ASN A 14 -25.34 -1.37 -22.04
CA ASN A 14 -23.97 -0.95 -21.74
C ASN A 14 -23.13 -2.03 -21.05
N GLY A 15 -22.73 -3.05 -21.81
CA GLY A 15 -21.91 -4.12 -21.28
C GLY A 15 -20.47 -3.70 -21.07
N THR A 16 -19.70 -4.56 -20.39
CA THR A 16 -18.29 -4.28 -20.14
C THR A 16 -17.46 -5.56 -20.21
N LEU A 17 -16.23 -5.43 -20.72
CA LEU A 17 -15.38 -6.58 -21.02
C LEU A 17 -14.51 -7.02 -19.84
N VAL A 18 -14.45 -8.34 -19.62
CA VAL A 18 -13.59 -8.89 -18.58
C VAL A 18 -12.78 -10.05 -19.14
N LYS A 19 -11.85 -10.54 -18.33
CA LYS A 19 -11.02 -11.66 -18.73
C LYS A 19 -11.38 -12.91 -17.95
N THR A 20 -11.18 -14.06 -18.58
CA THR A 20 -11.31 -15.33 -17.90
C THR A 20 -10.08 -16.17 -18.20
N ILE A 21 -10.10 -17.42 -17.76
CA ILE A 21 -9.06 -18.39 -18.10
C ILE A 21 -9.03 -18.59 -19.60
N THR A 22 -10.22 -18.54 -20.20
CA THR A 22 -10.41 -18.78 -21.63
C THR A 22 -10.22 -17.52 -22.45
N ASP A 23 -11.11 -16.55 -22.25
CA ASP A 23 -11.15 -15.37 -23.09
C ASP A 23 -10.37 -14.18 -22.55
N ASP A 24 -9.80 -13.41 -23.48
CA ASP A 24 -9.20 -12.11 -23.21
C ASP A 24 -10.34 -11.12 -23.10
N GLN A 25 -11.45 -11.42 -23.77
CA GLN A 25 -12.58 -10.50 -23.88
C GLN A 25 -13.96 -11.18 -23.82
N ILE A 26 -14.56 -11.22 -22.64
CA ILE A 26 -15.98 -11.59 -22.51
C ILE A 26 -16.76 -10.36 -22.06
N GLU A 27 -17.87 -10.07 -22.73
CA GLU A 27 -18.76 -9.01 -22.27
C GLU A 27 -19.67 -9.55 -21.17
N VAL A 28 -19.68 -8.86 -20.04
CA VAL A 28 -20.63 -9.17 -18.97
C VAL A 28 -21.47 -7.94 -18.68
N THR A 29 -22.49 -8.09 -17.84
CA THR A 29 -23.44 -7.03 -17.58
C THR A 29 -22.89 -5.91 -16.69
N ASN A 30 -21.97 -6.28 -15.80
CA ASN A 30 -21.47 -5.36 -14.79
C ASN A 30 -20.09 -5.81 -14.33
N ALA A 31 -19.25 -4.86 -13.93
CA ALA A 31 -17.91 -5.17 -13.44
C ALA A 31 -17.42 -4.08 -12.49
N THR A 32 -16.45 -4.43 -11.65
CA THR A 32 -15.87 -3.47 -10.72
C THR A 32 -14.34 -3.46 -10.84
N GLU A 33 -13.74 -2.29 -10.65
CA GLU A 33 -12.29 -2.16 -10.76
C GLU A 33 -11.60 -2.59 -9.47
N LEU A 34 -10.52 -3.37 -9.61
CA LEU A 34 -9.79 -3.87 -8.45
C LEU A 34 -8.44 -3.17 -8.27
N VAL A 35 -8.02 -2.38 -9.26
CA VAL A 35 -6.75 -1.67 -9.17
C VAL A 35 -6.97 -0.17 -8.93
N GLN A 36 -6.57 0.29 -7.75
CA GLN A 36 -6.56 1.71 -7.46
C GLN A 36 -5.44 2.35 -8.27
N SER A 37 -5.80 3.22 -9.21
CA SER A 37 -4.81 3.81 -10.11
C SER A 37 -4.65 5.32 -9.93
N SER A 38 -5.37 5.89 -8.96
CA SER A 38 -5.40 7.33 -8.80
C SER A 38 -5.09 7.81 -7.38
N SER A 39 -4.47 8.98 -7.30
CA SER A 39 -4.24 9.66 -6.03
C SER A 39 -4.60 11.13 -6.16
N THR A 40 -5.01 11.74 -5.05
CA THR A 40 -5.35 13.15 -5.03
C THR A 40 -4.11 14.01 -5.21
N GLY A 41 -2.96 13.45 -4.82
CA GLY A 41 -1.71 14.17 -4.88
C GLY A 41 -1.34 14.76 -3.53
N LYS A 42 -2.18 14.49 -2.53
CA LYS A 42 -1.97 15.05 -1.19
C LYS A 42 -1.89 13.97 -0.11
N ILE A 43 -1.00 14.17 0.85
CA ILE A 43 -0.85 13.25 1.98
C ILE A 43 -1.75 13.69 3.15
N CYS A 44 -2.67 12.82 3.53
CA CYS A 44 -3.58 13.11 4.64
C CYS A 44 -2.86 12.99 5.98
N ASN A 45 -3.06 13.97 6.86
CA ASN A 45 -2.40 13.98 8.16
C ASN A 45 -3.18 13.26 9.26
N ASN A 46 -4.23 12.56 8.85
CA ASN A 46 -5.03 11.72 9.73
C ASN A 46 -5.12 10.34 9.07
N PRO A 47 -4.88 9.25 9.83
CA PRO A 47 -4.62 9.12 11.27
C PRO A 47 -3.16 8.98 11.64
N HIS A 48 -2.25 8.97 10.67
CA HIS A 48 -0.83 8.86 10.98
C HIS A 48 -0.27 10.23 11.30
N ARG A 49 0.54 10.32 12.36
CA ARG A 49 1.26 11.56 12.61
C ARG A 49 2.31 11.76 11.54
N ILE A 50 2.06 12.72 10.66
CA ILE A 50 3.00 13.02 9.58
C ILE A 50 3.89 14.19 9.98
N LEU A 51 5.19 14.01 9.83
CA LEU A 51 6.11 15.09 10.12
C LEU A 51 6.81 15.59 8.86
N ASP A 52 6.49 16.81 8.48
CA ASP A 52 7.08 17.42 7.30
C ASP A 52 8.46 17.96 7.65
N GLY A 53 9.49 17.35 7.08
CA GLY A 53 10.86 17.77 7.34
C GLY A 53 11.19 19.12 6.73
N ILE A 54 10.32 19.58 5.84
CA ILE A 54 10.49 20.86 5.14
C ILE A 54 11.87 20.96 4.46
N ASP A 55 12.77 21.74 5.05
CA ASP A 55 14.10 21.94 4.47
C ASP A 55 15.15 21.02 5.09
N CYS A 56 14.71 20.10 5.95
CA CYS A 56 15.63 19.27 6.70
C CYS A 56 15.46 17.77 6.42
N THR A 57 16.59 17.10 6.21
CA THR A 57 16.63 15.65 6.19
C THR A 57 16.48 15.16 7.62
N LEU A 58 16.16 13.88 7.79
CA LEU A 58 16.08 13.30 9.13
C LEU A 58 17.44 13.35 9.83
N ILE A 59 18.49 13.11 9.07
CA ILE A 59 19.84 13.09 9.62
C ILE A 59 20.24 14.48 10.12
N ASP A 60 19.90 15.52 9.36
CA ASP A 60 20.20 16.89 9.77
C ASP A 60 19.38 17.32 10.99
N ALA A 61 18.18 16.78 11.11
CA ALA A 61 17.36 17.03 12.29
C ALA A 61 17.97 16.34 13.50
N LEU A 62 18.52 15.14 13.26
CA LEU A 62 19.16 14.33 14.30
C LEU A 62 20.38 15.03 14.89
N LEU A 63 21.25 15.54 14.01
CA LEU A 63 22.51 16.13 14.43
C LEU A 63 22.35 17.50 15.10
N GLY A 64 21.44 18.31 14.58
CA GLY A 64 21.21 19.63 15.14
C GLY A 64 21.70 20.76 14.24
N ASP A 65 21.64 20.54 12.94
CA ASP A 65 21.86 21.60 11.95
C ASP A 65 20.86 22.71 12.30
N PRO A 66 21.38 23.92 12.63
CA PRO A 66 20.60 25.03 13.17
C PRO A 66 19.24 25.30 12.52
N HIS A 67 19.17 25.29 11.19
CA HIS A 67 17.89 25.56 10.51
C HIS A 67 16.93 24.37 10.63
N CYS A 68 17.38 23.34 11.34
CA CYS A 68 16.53 22.19 11.66
C CYS A 68 16.27 22.11 13.16
N ASP A 69 16.60 23.18 13.89
CA ASP A 69 16.41 23.22 15.34
C ASP A 69 14.96 22.98 15.76
N VAL A 70 14.03 23.37 14.88
CA VAL A 70 12.60 23.25 15.17
C VAL A 70 12.18 21.78 15.40
N PHE A 71 13.04 20.85 15.00
CA PHE A 71 12.70 19.42 15.05
C PHE A 71 13.25 18.68 16.27
N GLN A 72 13.71 19.42 17.28
CA GLN A 72 14.24 18.80 18.49
C GLN A 72 13.16 18.04 19.24
N ASN A 73 13.53 16.90 19.84
CA ASN A 73 12.59 16.08 20.61
C ASN A 73 11.30 15.72 19.86
N GLU A 74 11.36 15.70 18.54
CA GLU A 74 10.17 15.47 17.72
C GLU A 74 9.82 13.99 17.56
N THR A 75 8.55 13.69 17.26
CA THR A 75 8.10 12.32 17.04
C THR A 75 7.30 12.22 15.74
N TRP A 76 7.07 11.00 15.26
CA TRP A 76 6.34 10.79 14.00
C TRP A 76 5.95 9.33 13.79
N ASP A 77 4.89 9.11 13.01
CA ASP A 77 4.61 7.79 12.47
C ASP A 77 5.32 7.69 11.13
N LEU A 78 5.28 8.78 10.36
CA LEU A 78 5.97 8.85 9.08
C LEU A 78 6.66 10.20 8.91
N PHE A 79 7.99 10.17 8.78
CA PHE A 79 8.77 11.37 8.48
C PHE A 79 8.80 11.56 6.97
N VAL A 80 8.59 12.79 6.53
CA VAL A 80 8.57 13.09 5.11
C VAL A 80 9.72 14.00 4.71
N GLU A 81 10.61 13.48 3.89
CA GLU A 81 11.77 14.24 3.41
C GLU A 81 11.48 14.88 2.06
N ARG A 82 11.73 16.19 1.97
CA ARG A 82 11.46 16.94 0.75
C ARG A 82 12.70 17.02 -0.14
N SER A 83 12.50 17.24 -1.43
CA SER A 83 13.62 17.37 -2.36
C SER A 83 14.32 18.72 -2.23
N LYS A 84 13.67 19.64 -1.50
CA LYS A 84 14.18 21.00 -1.33
C LYS A 84 15.12 21.10 -0.15
N ALA A 85 15.24 19.98 0.57
CA ALA A 85 16.07 19.92 1.77
C ALA A 85 17.53 20.24 1.46
N PHE A 86 18.19 20.90 2.41
CA PHE A 86 19.59 21.28 2.28
C PHE A 86 20.28 21.23 3.63
N SER A 87 21.56 20.89 3.63
CA SER A 87 22.37 20.97 4.85
C SER A 87 23.02 22.35 4.92
N ASN A 88 23.11 22.91 6.11
CA ASN A 88 23.72 24.23 6.28
C ASN A 88 24.53 24.32 7.56
N CYS A 89 25.25 23.24 7.86
CA CYS A 89 26.16 23.21 9.00
C CYS A 89 27.54 22.78 8.53
N TYR A 90 28.28 22.10 9.39
CA TYR A 90 29.60 21.61 9.04
C TYR A 90 29.51 20.53 7.98
N PRO A 91 30.38 20.59 6.96
CA PRO A 91 30.45 19.56 5.93
C PRO A 91 30.71 18.19 6.55
N TYR A 92 29.83 17.24 6.27
CA TYR A 92 29.91 15.93 6.90
C TYR A 92 29.55 14.79 5.95
N ASP A 93 29.98 13.59 6.31
CA ASP A 93 29.54 12.37 5.62
C ASP A 93 29.16 11.33 6.68
N VAL A 94 28.30 10.40 6.32
CA VAL A 94 27.93 9.32 7.22
C VAL A 94 28.19 7.98 6.55
N PRO A 95 29.25 7.27 6.98
CA PRO A 95 29.43 5.90 6.50
C PRO A 95 28.20 5.08 6.85
N ASP A 96 27.63 4.39 5.87
CA ASP A 96 26.37 3.66 6.05
C ASP A 96 25.25 4.61 6.50
N TYR A 97 25.20 5.77 5.83
CA TYR A 97 24.17 6.79 6.03
C TYR A 97 22.77 6.19 6.06
N ALA A 98 22.52 5.32 5.09
CA ALA A 98 21.22 4.68 4.90
C ALA A 98 20.75 3.90 6.12
N SER A 99 21.69 3.24 6.80
CA SER A 99 21.36 2.47 7.99
C SER A 99 21.02 3.36 9.17
N LEU A 100 21.75 4.47 9.32
CA LEU A 100 21.47 5.43 10.40
C LEU A 100 20.11 6.08 10.19
N ARG A 101 19.86 6.51 8.96
CA ARG A 101 18.58 7.09 8.58
C ARG A 101 17.45 6.10 8.86
N SER A 102 17.65 4.86 8.46
CA SER A 102 16.67 3.81 8.63
C SER A 102 16.30 3.55 10.09
N LEU A 103 17.31 3.32 10.92
CA LEU A 103 17.09 2.96 12.31
C LEU A 103 16.45 4.08 13.12
N VAL A 104 16.82 5.32 12.82
CA VAL A 104 16.23 6.49 13.49
C VAL A 104 14.78 6.69 13.04
N ALA A 105 14.56 6.56 11.73
CA ALA A 105 13.22 6.67 11.16
C ALA A 105 12.27 5.62 11.74
N SER A 106 12.79 4.39 11.90
CA SER A 106 12.00 3.30 12.47
C SER A 106 11.76 3.50 13.97
N SER A 107 12.75 4.07 14.65
CA SER A 107 12.63 4.37 16.08
C SER A 107 11.50 5.37 16.27
N GLY A 108 11.44 6.35 15.39
CA GLY A 108 10.28 7.24 15.28
C GLY A 108 10.29 8.47 16.16
N THR A 109 11.47 8.85 16.62
CA THR A 109 11.58 9.84 17.69
C THR A 109 12.96 10.47 17.71
N LEU A 110 13.03 11.75 18.09
CA LEU A 110 14.30 12.45 18.23
C LEU A 110 14.48 12.91 19.68
N GLU A 111 13.77 12.23 20.59
CA GLU A 111 13.84 12.51 22.02
C GLU A 111 15.29 12.38 22.46
N PHE A 112 15.87 13.51 22.85
CA PHE A 112 17.28 13.55 23.23
C PHE A 112 17.41 13.85 24.71
N ILE A 113 18.22 13.05 25.40
CA ILE A 113 18.54 13.31 26.80
C ILE A 113 20.00 13.73 26.94
N THR A 114 20.21 14.98 27.36
CA THR A 114 21.56 15.49 27.60
C THR A 114 22.18 14.76 28.80
N GLU A 115 23.43 14.35 28.66
CA GLU A 115 24.14 13.68 29.74
C GLU A 115 25.34 14.49 30.20
N GLY A 116 25.65 14.40 31.49
CA GLY A 116 26.73 15.18 32.06
C GLY A 116 28.12 14.68 31.70
N PHE A 117 28.47 14.77 30.42
CA PHE A 117 29.80 14.39 29.99
C PHE A 117 30.85 15.35 30.54
N THR A 118 31.99 14.78 30.93
CA THR A 118 33.09 15.58 31.48
C THR A 118 34.32 15.44 30.59
N TRP A 119 34.73 16.56 29.99
CA TRP A 119 35.87 16.58 29.09
C TRP A 119 37.00 17.43 29.69
N THR A 120 37.84 16.79 30.51
CA THR A 120 38.91 17.49 31.23
C THR A 120 40.15 17.74 30.37
N GLY A 121 40.64 18.97 30.39
CA GLY A 121 41.86 19.32 29.69
C GLY A 121 41.65 19.90 28.30
N VAL A 122 40.41 19.91 27.85
CA VAL A 122 40.10 20.36 26.50
C VAL A 122 39.08 21.50 26.47
N THR A 123 39.08 22.25 25.35
CA THR A 123 38.12 23.31 25.12
C THR A 123 36.86 22.72 24.51
N GLN A 124 35.70 23.21 24.91
CA GLN A 124 34.44 22.68 24.42
C GLN A 124 33.68 23.70 23.58
N ASN A 125 32.57 23.25 22.99
CA ASN A 125 31.64 24.14 22.30
C ASN A 125 32.25 24.87 21.10
N GLY A 126 33.08 24.15 20.35
CA GLY A 126 33.68 24.70 19.16
C GLY A 126 32.61 25.07 18.14
N GLY A 127 32.86 26.14 17.38
CA GLY A 127 31.90 26.59 16.38
C GLY A 127 32.56 26.90 15.06
N SER A 128 31.74 27.08 14.02
CA SER A 128 32.22 27.42 12.69
C SER A 128 31.27 28.38 11.99
N ASN A 129 31.81 29.20 11.08
CA ASN A 129 30.98 30.10 10.29
C ASN A 129 30.22 29.34 9.18
N ALA A 130 30.57 28.07 9.01
CA ALA A 130 29.88 27.20 8.07
C ALA A 130 28.57 26.70 8.68
N CYS A 131 28.46 26.86 9.99
CA CYS A 131 27.29 26.42 10.74
C CYS A 131 26.81 27.50 11.68
N LYS A 132 26.20 28.55 11.15
CA LYS A 132 25.78 29.66 12.00
C LYS A 132 24.46 29.37 12.73
N ARG A 133 24.42 29.74 14.00
CA ARG A 133 23.18 29.75 14.76
C ARG A 133 23.03 31.12 15.42
N GLY A 134 22.13 31.94 14.88
CA GLY A 134 22.07 33.34 15.24
C GLY A 134 23.08 34.09 14.41
N PRO A 135 23.64 35.18 14.97
CA PRO A 135 24.62 36.00 14.25
C PRO A 135 25.99 35.33 14.09
N GLY A 136 26.43 34.57 15.10
CA GLY A 136 27.80 34.08 15.14
C GLY A 136 28.02 32.63 14.75
N SER A 137 29.28 32.20 14.84
CA SER A 137 29.65 30.84 14.51
C SER A 137 28.97 29.85 15.45
N GLY A 138 28.68 28.66 14.96
CA GLY A 138 28.04 27.65 15.78
C GLY A 138 28.35 26.23 15.33
N PHE A 139 27.54 25.28 15.80
CA PHE A 139 27.80 23.88 15.55
C PHE A 139 26.52 23.06 15.69
N PHE A 140 26.61 21.77 15.37
CA PHE A 140 25.50 20.85 15.57
C PHE A 140 25.09 20.90 17.03
N SER A 141 23.78 21.05 17.28
CA SER A 141 23.28 21.20 18.64
C SER A 141 23.54 19.97 19.50
N ARG A 142 23.60 18.80 18.86
CA ARG A 142 23.74 17.54 19.58
C ARG A 142 25.18 17.07 19.67
N LEU A 143 26.10 17.85 19.09
CA LEU A 143 27.51 17.48 19.09
C LEU A 143 28.37 18.54 19.79
N ASN A 144 29.52 18.11 20.30
CA ASN A 144 30.42 18.99 21.04
C ASN A 144 31.82 18.93 20.45
N TRP A 145 32.21 20.00 19.74
CA TRP A 145 33.52 20.09 19.10
C TRP A 145 34.61 20.37 20.14
N LEU A 146 35.44 19.37 20.39
CA LEU A 146 36.50 19.48 21.39
C LEU A 146 37.84 19.82 20.74
N THR A 147 38.55 20.78 21.33
CA THR A 147 39.89 21.14 20.86
C THR A 147 40.86 21.26 22.03
N LYS A 148 42.11 21.55 21.72
CA LYS A 148 43.15 21.69 22.73
C LYS A 148 42.86 22.85 23.68
N SER A 149 43.42 22.77 24.89
CA SER A 149 43.42 23.91 25.80
C SER A 149 44.88 24.23 26.11
N GLY A 150 45.23 25.51 26.08
CA GLY A 150 46.63 25.91 26.17
C GLY A 150 47.39 25.40 24.96
N SER A 151 48.38 24.55 25.21
CA SER A 151 49.16 23.91 24.16
C SER A 151 49.07 22.39 24.29
N THR A 152 48.05 21.93 24.99
CA THR A 152 47.89 20.49 25.24
C THR A 152 46.50 19.95 24.89
N TYR A 153 46.47 18.70 24.44
CA TYR A 153 45.25 17.95 24.24
C TYR A 153 45.47 16.58 24.86
N PRO A 154 44.91 16.34 26.05
CA PRO A 154 45.16 15.09 26.78
C PRO A 154 44.39 13.91 26.19
N VAL A 155 44.71 12.71 26.67
CA VAL A 155 43.98 11.50 26.28
C VAL A 155 42.66 11.45 27.03
N LEU A 156 41.57 11.77 26.32
CA LEU A 156 40.25 11.74 26.92
C LEU A 156 39.80 10.30 27.13
N ASN A 157 39.21 10.04 28.30
CA ASN A 157 38.81 8.68 28.69
C ASN A 157 37.61 8.79 29.63
N VAL A 158 36.41 8.62 29.08
CA VAL A 158 35.18 8.84 29.83
C VAL A 158 34.20 7.67 29.76
N THR A 159 33.25 7.65 30.69
CA THR A 159 32.26 6.59 30.77
C THR A 159 30.83 7.13 30.86
N MET A 160 29.90 6.40 30.24
CA MET A 160 28.48 6.65 30.41
C MET A 160 27.76 5.31 30.53
N PRO A 161 27.38 4.92 31.75
CA PRO A 161 26.68 3.64 31.91
C PRO A 161 25.21 3.77 31.53
N ASN A 162 24.66 2.73 30.91
CA ASN A 162 23.21 2.70 30.69
C ASN A 162 22.56 1.86 31.79
N ASN A 163 21.95 2.55 32.75
CA ASN A 163 21.23 1.89 33.82
C ASN A 163 19.72 2.11 33.67
N ASP A 164 19.32 2.41 32.44
CA ASP A 164 17.90 2.51 32.10
C ASP A 164 17.40 1.17 31.56
N ASN A 165 16.14 1.13 31.14
CA ASN A 165 15.54 -0.11 30.66
C ASN A 165 15.39 -0.13 29.13
N PHE A 166 15.84 0.96 28.51
CA PHE A 166 15.77 1.12 27.06
C PHE A 166 17.17 1.21 26.44
N ASP A 167 17.23 1.18 25.10
CA ASP A 167 18.49 1.34 24.40
C ASP A 167 18.84 2.81 24.20
N LYS A 168 20.11 3.15 24.40
CA LYS A 168 20.58 4.50 24.15
C LYS A 168 21.26 4.54 22.79
N LEU A 169 20.91 5.53 21.98
CA LEU A 169 21.59 5.74 20.71
C LEU A 169 22.53 6.92 20.85
N TYR A 170 23.82 6.69 20.64
CA TYR A 170 24.81 7.76 20.72
C TYR A 170 25.29 8.17 19.34
N ILE A 171 25.23 9.47 19.06
CA ILE A 171 25.75 10.01 17.81
C ILE A 171 27.04 10.76 18.10
N TRP A 172 28.11 10.39 17.40
CA TRP A 172 29.41 11.03 17.58
C TRP A 172 30.12 11.16 16.25
N GLY A 173 31.23 11.90 16.21
CA GLY A 173 31.92 12.14 14.96
C GLY A 173 33.44 12.21 15.09
N ILE A 174 34.11 12.18 13.93
CA ILE A 174 35.55 12.36 13.85
C ILE A 174 35.85 13.49 12.88
N HIS A 175 36.71 14.41 13.31
CA HIS A 175 37.11 15.54 12.46
C HIS A 175 38.25 15.15 11.52
N HIS A 176 38.09 15.46 10.24
CA HIS A 176 39.17 15.32 9.28
C HIS A 176 39.64 16.71 8.85
N PRO A 177 40.77 17.17 9.41
CA PRO A 177 41.31 18.48 9.03
C PRO A 177 41.87 18.44 7.60
N SER A 178 41.99 19.59 6.95
CA SER A 178 42.48 19.63 5.58
C SER A 178 44.00 19.76 5.48
N THR A 179 44.62 20.23 6.56
CA THR A 179 46.07 20.41 6.60
C THR A 179 46.68 19.89 7.91
N ASN A 180 47.94 19.49 7.85
CA ASN A 180 48.71 19.12 9.04
C ASN A 180 48.78 20.28 10.02
N GLN A 181 48.81 21.50 9.48
CA GLN A 181 48.76 22.70 10.32
C GLN A 181 47.44 22.79 11.06
N GLU A 182 46.35 22.47 10.39
CA GLU A 182 45.05 22.43 11.04
C GLU A 182 45.03 21.30 12.06
N GLN A 183 45.63 20.17 11.71
CA GLN A 183 45.64 18.98 12.56
C GLN A 183 46.40 19.18 13.87
N THR A 184 47.39 20.09 13.88
CA THR A 184 48.15 20.36 15.11
C THR A 184 47.66 21.61 15.87
N SER A 185 46.96 22.50 15.18
CA SER A 185 46.45 23.74 15.78
C SER A 185 45.25 23.50 16.71
N LEU A 186 44.50 22.44 16.43
CA LEU A 186 43.27 22.11 17.16
C LEU A 186 43.51 21.04 18.23
N TYR A 187 44.30 20.02 17.89
CA TYR A 187 44.42 18.81 18.68
C TYR A 187 45.85 18.44 19.07
N VAL A 188 46.80 19.30 18.73
CA VAL A 188 48.21 19.14 19.13
C VAL A 188 48.92 17.92 18.53
N GLN A 189 48.39 16.72 18.77
CA GLN A 189 49.00 15.50 18.25
C GLN A 189 49.05 15.50 16.71
N ALA A 190 50.02 14.78 16.15
CA ALA A 190 50.17 14.72 14.69
C ALA A 190 49.05 13.90 14.05
N SER A 191 48.59 12.88 14.76
CA SER A 191 47.46 12.07 14.31
C SER A 191 46.60 11.68 15.50
N GLY A 192 45.33 12.08 15.47
CA GLY A 192 44.41 11.71 16.53
C GLY A 192 43.84 10.32 16.31
N ARG A 193 42.93 9.92 17.18
CA ARG A 193 42.17 8.69 17.02
C ARG A 193 40.94 8.80 17.89
N VAL A 194 39.89 8.09 17.52
CA VAL A 194 38.67 8.06 18.32
C VAL A 194 38.26 6.61 18.54
N THR A 195 38.15 6.22 19.81
CA THR A 195 37.67 4.89 20.15
C THR A 195 36.42 5.01 21.01
N VAL A 196 35.32 4.47 20.50
CA VAL A 196 34.06 4.42 21.24
C VAL A 196 33.69 2.95 21.39
N SER A 197 33.39 2.54 22.61
CA SER A 197 33.21 1.11 22.87
C SER A 197 32.14 0.82 23.91
N THR A 198 31.50 -0.33 23.72
CA THR A 198 30.71 -0.95 24.77
C THR A 198 31.50 -2.18 25.17
N ARG A 199 30.88 -3.08 25.92
CA ARG A 199 31.57 -4.29 26.35
C ARG A 199 31.64 -5.33 25.23
N ARG A 200 30.81 -5.16 24.20
CA ARG A 200 30.73 -6.12 23.10
C ARG A 200 30.99 -5.51 21.72
N SER A 201 31.30 -4.22 21.69
CA SER A 201 31.55 -3.56 20.41
C SER A 201 32.56 -2.44 20.56
N GLN A 202 33.35 -2.23 19.53
CA GLN A 202 34.30 -1.13 19.49
C GLN A 202 34.44 -0.59 18.08
N GLN A 203 34.60 0.73 17.99
CA GLN A 203 34.84 1.39 16.73
C GLN A 203 35.99 2.35 16.93
N THR A 204 37.12 2.09 16.27
CA THR A 204 38.19 3.07 16.26
C THR A 204 38.39 3.65 14.87
N ILE A 205 38.36 4.97 14.81
CA ILE A 205 38.55 5.69 13.56
C ILE A 205 39.82 6.53 13.65
N ILE A 206 40.65 6.46 12.62
CA ILE A 206 41.81 7.33 12.52
C ILE A 206 41.51 8.40 11.48
N PRO A 207 41.49 9.67 11.93
CA PRO A 207 41.16 10.80 11.05
C PRO A 207 42.13 10.88 9.88
N ASN A 208 41.65 11.39 8.75
CA ASN A 208 42.48 11.51 7.57
C ASN A 208 42.77 12.98 7.25
N ILE A 209 44.03 13.29 6.98
CA ILE A 209 44.42 14.64 6.59
C ILE A 209 44.34 14.78 5.08
N GLY A 210 43.74 15.86 4.60
CA GLY A 210 43.63 16.08 3.18
C GLY A 210 42.62 17.15 2.79
N SER A 211 42.89 17.81 1.67
CA SER A 211 41.98 18.80 1.13
C SER A 211 40.83 18.11 0.42
N ARG A 212 39.60 18.47 0.80
CA ARG A 212 38.40 17.99 0.13
C ARG A 212 37.78 19.18 -0.60
N PRO A 213 36.75 18.94 -1.43
CA PRO A 213 36.15 20.11 -2.09
C PRO A 213 35.60 21.14 -1.12
N TRP A 214 35.73 22.41 -1.51
CA TRP A 214 35.24 23.56 -0.74
C TRP A 214 33.73 23.44 -0.51
N VAL A 215 33.32 23.39 0.75
CA VAL A 215 31.88 23.38 1.09
C VAL A 215 31.58 24.36 2.22
N ARG A 216 30.79 25.38 1.91
CA ARG A 216 30.41 26.41 2.88
C ARG A 216 31.62 27.00 3.61
N GLY A 217 32.73 27.15 2.89
CA GLY A 217 33.93 27.75 3.43
C GLY A 217 35.04 26.78 3.75
N LEU A 218 34.71 25.48 3.78
CA LEU A 218 35.63 24.49 4.34
C LEU A 218 36.03 23.37 3.37
N SER A 219 37.25 22.87 3.57
CA SER A 219 37.75 21.70 2.86
C SER A 219 37.98 20.56 3.84
N SER A 220 37.74 20.81 5.12
CA SER A 220 37.76 19.78 6.14
C SER A 220 36.39 19.09 6.22
N ARG A 221 36.35 17.93 6.86
CA ARG A 221 35.11 17.16 6.95
C ARG A 221 34.94 16.54 8.34
N ILE A 222 33.70 16.20 8.69
CA ILE A 222 33.42 15.42 9.88
C ILE A 222 32.72 14.14 9.46
N SER A 223 33.19 13.00 9.95
CA SER A 223 32.53 11.73 9.67
C SER A 223 31.66 11.33 10.86
N ILE A 224 30.41 10.98 10.59
CA ILE A 224 29.44 10.68 11.64
C ILE A 224 29.31 9.18 11.86
N TYR A 225 29.40 8.77 13.13
CA TYR A 225 29.23 7.38 13.51
C TYR A 225 28.20 7.28 14.62
N TRP A 226 27.69 6.08 14.85
CA TRP A 226 26.73 5.87 15.92
C TRP A 226 27.06 4.64 16.77
N THR A 227 26.54 4.63 18.00
CA THR A 227 26.74 3.52 18.91
C THR A 227 25.48 3.31 19.73
N ILE A 228 24.97 2.08 19.74
CA ILE A 228 23.82 1.73 20.56
C ILE A 228 24.30 1.05 21.84
N VAL A 229 23.80 1.51 22.99
CA VAL A 229 24.13 0.91 24.27
C VAL A 229 22.89 0.28 24.91
N LYS A 230 22.92 -1.03 25.08
CA LYS A 230 21.83 -1.78 25.70
C LYS A 230 21.83 -1.54 27.22
N PRO A 231 20.67 -1.79 27.88
CA PRO A 231 20.62 -1.73 29.35
C PRO A 231 21.60 -2.71 29.98
N GLY A 232 22.25 -2.29 31.07
CA GLY A 232 23.26 -3.10 31.71
C GLY A 232 24.64 -2.84 31.14
N ASP A 233 24.70 -2.52 29.86
CA ASP A 233 25.95 -2.23 29.19
C ASP A 233 26.40 -0.79 29.48
N VAL A 234 27.55 -0.40 28.92
CA VAL A 234 28.19 0.85 29.27
C VAL A 234 28.95 1.44 28.08
N LEU A 235 29.02 2.76 28.00
CA LEU A 235 29.75 3.43 26.93
C LEU A 235 31.10 3.92 27.44
N VAL A 236 32.13 3.76 26.62
CA VAL A 236 33.45 4.34 26.91
C VAL A 236 33.98 5.07 25.69
N ILE A 237 34.36 6.33 25.87
CA ILE A 237 34.94 7.13 24.80
C ILE A 237 36.40 7.43 25.11
N ASN A 238 37.28 7.05 24.18
CA ASN A 238 38.71 7.28 24.33
C ASN A 238 39.25 7.94 23.08
N SER A 239 39.98 9.05 23.26
CA SER A 239 40.52 9.82 22.14
C SER A 239 41.66 10.73 22.57
N ASN A 240 42.65 10.89 21.68
CA ASN A 240 43.71 11.87 21.87
C ASN A 240 43.70 12.92 20.76
N GLY A 241 42.51 13.19 20.22
CA GLY A 241 42.34 14.18 19.17
C GLY A 241 41.23 13.86 18.19
N ASN A 242 40.66 14.91 17.60
CA ASN A 242 39.64 14.81 16.54
C ASN A 242 38.28 14.26 16.96
N LEU A 243 38.07 14.12 18.26
CA LEU A 243 36.78 13.66 18.76
C LEU A 243 35.70 14.74 18.59
N ILE A 244 34.65 14.40 17.85
CA ILE A 244 33.44 15.21 17.87
C ILE A 244 32.47 14.53 18.83
N ALA A 245 32.40 15.07 20.04
CA ALA A 245 31.76 14.40 21.16
C ALA A 245 30.22 14.49 21.17
N PRO A 246 29.56 13.43 21.66
CA PRO A 246 28.12 13.44 21.90
C PRO A 246 27.78 14.31 23.12
N ARG A 247 26.53 14.75 23.23
CA ARG A 247 26.11 15.55 24.38
C ARG A 247 25.12 14.75 25.22
N GLY A 248 24.87 13.53 24.78
CA GLY A 248 23.91 12.65 25.43
C GLY A 248 23.50 11.57 24.46
N TYR A 249 22.28 11.08 24.61
CA TYR A 249 21.79 9.98 23.79
C TYR A 249 20.38 10.24 23.27
N PHE A 250 20.02 9.49 22.23
CA PHE A 250 18.65 9.48 21.74
C PHE A 250 17.93 8.25 22.26
N LYS A 251 16.72 8.43 22.74
CA LYS A 251 15.94 7.31 23.23
C LYS A 251 15.41 6.49 22.07
N MET A 252 15.67 5.19 22.10
CA MET A 252 15.27 4.30 21.02
C MET A 252 13.97 3.59 21.32
N ARG A 253 13.12 3.49 20.31
CA ARG A 253 11.85 2.79 20.43
C ARG A 253 11.67 1.80 19.30
N THR A 254 10.77 0.85 19.50
CA THR A 254 10.33 -0.06 18.46
C THR A 254 8.89 0.31 18.15
N GLY A 255 8.45 0.08 16.92
CA GLY A 255 7.10 0.44 16.54
C GLY A 255 6.89 0.61 15.05
N LYS A 256 5.88 1.39 14.69
CA LYS A 256 5.42 1.47 13.30
C LYS A 256 5.97 2.65 12.50
N SER A 257 6.98 3.32 13.01
CA SER A 257 7.49 4.51 12.35
C SER A 257 8.34 4.22 11.12
N SER A 258 8.32 5.14 10.16
CA SER A 258 9.11 4.99 8.95
C SER A 258 9.44 6.36 8.36
N ILE A 259 9.99 6.37 7.16
CA ILE A 259 10.35 7.61 6.48
C ILE A 259 10.00 7.48 5.00
N MET A 260 9.66 8.61 4.37
CA MET A 260 9.30 8.60 2.96
C MET A 260 9.80 9.87 2.25
N ARG A 261 10.38 9.70 1.07
CA ARG A 261 10.75 10.84 0.24
C ARG A 261 9.58 11.21 -0.66
N SER A 262 9.04 12.42 -0.46
CA SER A 262 7.89 12.87 -1.22
C SER A 262 7.81 14.40 -1.23
N ASP A 263 7.33 14.95 -2.33
CA ASP A 263 7.12 16.39 -2.44
C ASP A 263 5.62 16.71 -2.42
N ALA A 264 4.82 15.68 -2.18
CA ALA A 264 3.37 15.82 -2.07
C ALA A 264 3.00 16.68 -0.85
N PRO A 265 2.09 17.64 -1.03
CA PRO A 265 1.69 18.54 0.06
C PRO A 265 0.90 17.81 1.14
N ILE A 266 1.08 18.19 2.39
CA ILE A 266 0.29 17.60 3.48
C ILE A 266 -1.08 18.29 3.51
N ASP A 267 -2.14 17.50 3.67
CA ASP A 267 -3.48 18.07 3.68
C ASP A 267 -4.31 17.59 4.87
N THR A 268 -5.24 18.42 5.31
CA THR A 268 -6.16 18.04 6.39
C THR A 268 -7.27 17.15 5.84
N CYS A 269 -7.05 15.84 5.92
CA CYS A 269 -8.00 14.84 5.43
C CYS A 269 -7.64 13.49 6.06
N ILE A 270 -8.41 12.46 5.74
CA ILE A 270 -8.22 11.15 6.38
C ILE A 270 -7.92 10.03 5.39
N SER A 271 -6.81 9.32 5.62
CA SER A 271 -6.43 8.19 4.76
C SER A 271 -5.41 7.28 5.43
N GLU A 272 -5.66 5.97 5.34
CA GLU A 272 -4.78 4.99 5.95
C GLU A 272 -3.52 4.75 5.12
N CYS A 273 -3.67 4.80 3.79
CA CYS A 273 -2.56 4.51 2.90
C CYS A 273 -1.87 5.77 2.38
N ILE A 274 -0.54 5.77 2.42
CA ILE A 274 0.27 6.87 1.91
C ILE A 274 1.28 6.38 0.88
N THR A 275 1.30 7.04 -0.28
CA THR A 275 2.32 6.84 -1.29
C THR A 275 3.06 8.17 -1.44
N PRO A 276 4.24 8.16 -2.08
CA PRO A 276 4.88 9.45 -2.37
C PRO A 276 4.06 10.32 -3.32
N ASN A 277 3.20 9.69 -4.11
CA ASN A 277 2.26 10.40 -4.98
C ASN A 277 1.21 11.14 -4.17
N GLY A 278 0.97 10.67 -2.95
CA GLY A 278 -0.08 11.20 -2.11
C GLY A 278 -0.91 10.05 -1.55
N SER A 279 -1.91 10.37 -0.75
CA SER A 279 -2.76 9.35 -0.16
C SER A 279 -3.64 8.66 -1.19
N ILE A 280 -3.87 7.35 -1.02
CA ILE A 280 -4.77 6.61 -1.89
C ILE A 280 -5.79 5.84 -1.04
N PRO A 281 -6.99 5.60 -1.59
CA PRO A 281 -7.99 4.84 -0.86
C PRO A 281 -7.59 3.36 -0.80
N ASN A 282 -8.08 2.61 0.19
CA ASN A 282 -7.73 1.20 0.32
C ASN A 282 -8.93 0.25 0.18
N ASP A 283 -9.90 0.64 -0.64
CA ASP A 283 -11.08 -0.17 -0.85
C ASP A 283 -10.82 -1.27 -1.87
N LYS A 284 -9.81 -1.06 -2.72
CA LYS A 284 -9.44 -2.02 -3.74
C LYS A 284 -8.26 -2.87 -3.28
N PRO A 285 -8.26 -4.16 -3.63
CA PRO A 285 -7.19 -5.09 -3.22
C PRO A 285 -5.84 -4.72 -3.80
N PHE A 286 -5.84 -4.04 -4.95
CA PHE A 286 -4.59 -3.72 -5.63
C PHE A 286 -4.47 -2.25 -6.02
N GLN A 287 -3.22 -1.81 -6.20
CA GLN A 287 -2.94 -0.44 -6.60
C GLN A 287 -1.74 -0.39 -7.56
N ASN A 288 -1.71 0.63 -8.41
CA ASN A 288 -0.70 0.77 -9.44
C ASN A 288 -0.01 2.12 -9.30
N VAL A 289 -0.31 2.80 -8.19
CA VAL A 289 0.19 4.15 -7.94
C VAL A 289 1.69 4.17 -7.63
N ASN A 290 2.09 3.42 -6.62
CA ASN A 290 3.50 3.37 -6.23
C ASN A 290 3.85 2.11 -5.42
N LYS A 291 5.01 1.52 -5.71
CA LYS A 291 5.48 0.36 -4.96
C LYS A 291 5.89 0.77 -3.56
N ILE A 292 6.13 2.07 -3.38
CA ILE A 292 6.44 2.63 -2.07
C ILE A 292 5.15 3.04 -1.38
N THR A 293 4.86 2.40 -0.26
CA THR A 293 3.65 2.70 0.50
C THR A 293 3.92 2.67 2.01
N TYR A 294 3.02 3.28 2.77
CA TYR A 294 3.05 3.21 4.22
C TYR A 294 1.62 3.13 4.75
N GLY A 295 1.35 2.15 5.61
CA GLY A 295 0.04 2.00 6.22
C GLY A 295 -0.79 0.88 5.62
N ALA A 296 -2.09 0.87 5.92
CA ALA A 296 -3.00 -0.10 5.34
C ALA A 296 -3.19 0.16 3.85
N CYS A 297 -2.38 -0.48 3.02
CA CYS A 297 -2.39 -0.20 1.58
C CYS A 297 -2.72 -1.41 0.72
N PRO A 298 -3.34 -1.17 -0.45
CA PRO A 298 -3.52 -2.24 -1.43
C PRO A 298 -2.16 -2.70 -1.92
N LYS A 299 -2.05 -3.93 -2.40
CA LYS A 299 -0.78 -4.46 -2.86
C LYS A 299 -0.40 -3.85 -4.21
N TYR A 300 0.86 -3.46 -4.37
CA TYR A 300 1.31 -2.90 -5.64
C TYR A 300 1.34 -3.96 -6.74
N VAL A 301 0.94 -3.55 -7.93
CA VAL A 301 0.73 -4.46 -9.05
C VAL A 301 1.06 -3.73 -10.35
N LYS A 302 1.54 -4.45 -11.36
CA LYS A 302 1.95 -3.84 -12.61
C LYS A 302 0.77 -3.44 -13.52
N GLN A 303 -0.34 -4.14 -13.39
CA GLN A 303 -1.53 -3.84 -14.19
C GLN A 303 -2.17 -2.52 -13.76
N ASN A 304 -2.58 -1.71 -14.73
CA ASN A 304 -3.27 -0.45 -14.43
C ASN A 304 -4.78 -0.64 -14.28
N THR A 305 -5.27 -1.83 -14.64
CA THR A 305 -6.67 -2.18 -14.47
C THR A 305 -6.91 -3.69 -14.43
N LEU A 306 -7.74 -4.11 -13.48
CA LEU A 306 -8.20 -5.49 -13.40
C LEU A 306 -9.70 -5.47 -13.09
N LYS A 307 -10.50 -6.01 -14.01
CA LYS A 307 -11.94 -5.90 -13.91
C LYS A 307 -12.58 -7.19 -13.41
N LEU A 308 -13.20 -7.11 -12.23
CA LEU A 308 -13.90 -8.26 -11.66
C LEU A 308 -15.36 -8.23 -12.09
N ALA A 309 -15.81 -9.31 -12.72
CA ALA A 309 -17.20 -9.39 -13.15
C ALA A 309 -18.13 -9.44 -11.94
N THR A 310 -19.18 -8.62 -11.99
CA THR A 310 -20.17 -8.59 -10.92
C THR A 310 -21.56 -8.89 -11.47
N GLY A 311 -21.60 -9.45 -12.66
CA GLY A 311 -22.84 -9.81 -13.33
C GLY A 311 -22.62 -10.93 -14.32
N MET A 312 -23.71 -11.43 -14.91
CA MET A 312 -23.64 -12.54 -15.84
C MET A 312 -23.14 -12.11 -17.22
N ARG A 313 -22.95 -13.08 -18.11
CA ARG A 313 -22.56 -12.79 -19.49
C ARG A 313 -23.64 -11.95 -20.16
N ASN A 314 -23.23 -10.88 -20.84
CA ASN A 314 -24.18 -10.05 -21.58
C ASN A 314 -24.48 -10.63 -22.96
N VAL A 315 -25.70 -11.12 -23.15
CA VAL A 315 -26.09 -11.77 -24.40
C VAL A 315 -27.19 -10.95 -25.11
N PRO A 316 -26.94 -10.57 -26.37
CA PRO A 316 -27.89 -9.73 -27.12
C PRO A 316 -29.20 -10.43 -27.42
N GLU A 317 -30.30 -9.69 -27.47
CA GLU A 317 -31.59 -10.27 -27.78
C GLU A 317 -31.73 -10.51 -29.27
N LYS A 318 -32.33 -11.64 -29.63
CA LYS A 318 -32.58 -11.96 -31.02
C LYS A 318 -33.81 -11.24 -31.55
N GLN A 319 -33.73 -10.79 -32.80
CA GLN A 319 -34.93 -10.37 -33.52
C GLN A 319 -34.86 -10.95 -34.93
N THR A 320 -35.91 -11.64 -35.34
CA THR A 320 -36.01 -12.08 -36.72
C THR A 320 -36.59 -10.89 -37.48
N GLN A 321 -36.10 -10.70 -38.71
CA GLN A 321 -36.35 -9.49 -39.51
C GLN A 321 -37.74 -8.84 -39.35
N GLY B 1 -40.63 -9.02 -40.20
CA GLY B 1 -41.15 -8.33 -39.03
C GLY B 1 -41.86 -9.23 -38.03
N LEU B 2 -41.14 -10.21 -37.50
CA LEU B 2 -41.70 -11.10 -36.49
C LEU B 2 -41.73 -10.42 -35.12
N PHE B 3 -42.91 -9.98 -34.72
CA PHE B 3 -43.11 -9.26 -33.47
C PHE B 3 -44.09 -9.99 -32.55
N GLY B 4 -43.94 -9.78 -31.25
CA GLY B 4 -44.84 -10.39 -30.29
C GLY B 4 -44.46 -11.79 -29.86
N ALA B 5 -43.79 -12.51 -30.77
CA ALA B 5 -43.31 -13.85 -30.47
C ALA B 5 -42.20 -13.78 -29.43
N ILE B 6 -42.30 -14.62 -28.40
CA ILE B 6 -41.32 -14.65 -27.33
C ILE B 6 -40.36 -15.83 -27.46
N ALA B 7 -39.15 -15.67 -26.91
CA ALA B 7 -38.15 -16.72 -26.92
C ALA B 7 -37.38 -16.72 -25.61
N GLY B 8 -36.83 -17.87 -25.24
CA GLY B 8 -36.13 -17.99 -23.98
C GLY B 8 -34.65 -17.66 -24.03
N PHE B 9 -33.91 -18.23 -23.10
CA PHE B 9 -32.51 -17.87 -22.85
C PHE B 9 -31.48 -18.51 -23.79
N ILE B 10 -31.92 -19.42 -24.65
CA ILE B 10 -30.98 -20.11 -25.54
C ILE B 10 -30.35 -19.15 -26.53
N GLU B 11 -29.08 -18.82 -26.28
CA GLU B 11 -28.33 -17.87 -27.11
C GLU B 11 -29.11 -16.57 -27.27
N ASN B 12 -29.69 -16.10 -26.17
CA ASN B 12 -30.61 -14.98 -26.20
C ASN B 12 -30.74 -14.32 -24.83
N GLY B 13 -30.64 -12.99 -24.81
CA GLY B 13 -30.86 -12.23 -23.58
C GLY B 13 -32.11 -11.39 -23.68
N TRP B 14 -32.54 -10.84 -22.53
CA TRP B 14 -33.71 -9.95 -22.49
C TRP B 14 -33.28 -8.58 -21.98
N GLU B 15 -33.28 -7.58 -22.86
CA GLU B 15 -32.92 -6.22 -22.45
C GLU B 15 -34.06 -5.54 -21.67
N GLY B 16 -35.26 -6.11 -21.77
CA GLY B 16 -36.43 -5.54 -21.11
C GLY B 16 -36.66 -6.02 -19.69
N MET B 17 -35.84 -6.98 -19.25
CA MET B 17 -35.89 -7.46 -17.87
C MET B 17 -35.03 -6.56 -16.98
N ILE B 18 -35.68 -5.72 -16.20
CA ILE B 18 -34.99 -4.68 -15.44
C ILE B 18 -35.13 -4.82 -13.93
N ASP B 19 -36.13 -5.59 -13.48
CA ASP B 19 -36.41 -5.76 -12.06
C ASP B 19 -35.92 -7.12 -11.55
N GLY B 20 -35.09 -7.77 -12.33
CA GLY B 20 -34.55 -9.07 -11.98
C GLY B 20 -33.45 -9.54 -12.93
N TRP B 21 -32.73 -10.57 -12.52
CA TRP B 21 -31.67 -11.16 -13.34
C TRP B 21 -32.22 -12.31 -14.17
N TYR B 22 -33.18 -13.02 -13.59
CA TYR B 22 -33.81 -14.16 -14.24
C TYR B 22 -35.31 -13.98 -14.13
N GLY B 23 -36.08 -14.62 -15.00
CA GLY B 23 -37.53 -14.48 -14.94
C GLY B 23 -38.33 -15.16 -16.05
N PHE B 24 -39.61 -14.81 -16.10
CA PHE B 24 -40.57 -15.47 -16.96
C PHE B 24 -41.19 -14.52 -17.98
N ARG B 25 -41.41 -15.03 -19.19
CA ARG B 25 -42.29 -14.39 -20.15
C ARG B 25 -43.31 -15.41 -20.59
N HIS B 26 -44.54 -14.97 -20.81
CA HIS B 26 -45.60 -15.89 -21.14
C HIS B 26 -46.55 -15.35 -22.20
N GLN B 27 -47.15 -16.28 -22.95
CA GLN B 27 -48.21 -15.95 -23.88
C GLN B 27 -49.37 -16.90 -23.58
N ASN B 28 -50.49 -16.34 -23.18
CA ASN B 28 -51.68 -17.14 -22.86
C ASN B 28 -52.94 -16.58 -23.49
N SER B 29 -54.07 -16.95 -22.91
CA SER B 29 -55.37 -16.47 -23.38
C SER B 29 -55.52 -14.96 -23.15
N GLU B 30 -54.92 -14.48 -22.07
CA GLU B 30 -55.05 -13.08 -21.68
C GLU B 30 -53.92 -12.22 -22.24
N GLY B 31 -53.16 -12.78 -23.18
CA GLY B 31 -52.13 -12.01 -23.87
C GLY B 31 -50.71 -12.37 -23.50
N THR B 32 -49.90 -11.33 -23.27
CA THR B 32 -48.47 -11.48 -23.05
C THR B 32 -48.01 -10.74 -21.79
N GLY B 33 -47.18 -11.40 -20.98
CA GLY B 33 -46.71 -10.83 -19.74
C GLY B 33 -45.26 -11.19 -19.43
N GLN B 34 -44.71 -10.57 -18.39
CA GLN B 34 -43.33 -10.81 -17.97
C GLN B 34 -43.22 -10.61 -16.46
N ALA B 35 -42.43 -11.45 -15.80
CA ALA B 35 -42.22 -11.32 -14.35
C ALA B 35 -40.84 -11.84 -13.96
N ALA B 36 -40.16 -11.10 -13.09
CA ALA B 36 -38.84 -11.51 -12.61
C ALA B 36 -38.94 -12.58 -11.53
N ASP B 37 -37.92 -13.43 -11.43
CA ASP B 37 -37.84 -14.41 -10.36
C ASP B 37 -36.84 -13.93 -9.32
N LEU B 38 -37.33 -13.62 -8.12
CA LEU B 38 -36.51 -12.99 -7.09
C LEU B 38 -35.51 -13.97 -6.48
N LYS B 39 -35.94 -15.21 -6.26
CA LYS B 39 -35.11 -16.23 -5.64
C LYS B 39 -33.80 -16.49 -6.39
N SER B 40 -33.92 -16.88 -7.66
CA SER B 40 -32.75 -17.14 -8.51
C SER B 40 -31.88 -15.89 -8.69
N THR B 41 -32.54 -14.76 -8.90
CA THR B 41 -31.87 -13.47 -8.98
C THR B 41 -31.07 -13.22 -7.70
N GLN B 42 -31.69 -13.46 -6.56
CA GLN B 42 -31.05 -13.23 -5.26
C GLN B 42 -29.87 -14.18 -5.02
N ALA B 43 -30.05 -15.44 -5.41
CA ALA B 43 -29.03 -16.47 -5.25
C ALA B 43 -27.72 -16.08 -5.93
N ALA B 44 -27.83 -15.64 -7.18
CA ALA B 44 -26.68 -15.19 -7.95
C ALA B 44 -26.01 -13.96 -7.31
N ILE B 45 -26.81 -12.95 -6.99
CA ILE B 45 -26.31 -11.72 -6.36
C ILE B 45 -25.56 -11.99 -5.06
N ASP B 46 -26.09 -12.92 -4.25
CA ASP B 46 -25.45 -13.30 -3.00
C ASP B 46 -24.07 -13.92 -3.23
N GLN B 47 -23.98 -14.80 -4.22
CA GLN B 47 -22.72 -15.44 -4.57
C GLN B 47 -21.70 -14.44 -5.11
N ILE B 48 -22.16 -13.50 -5.95
CA ILE B 48 -21.31 -12.43 -6.43
C ILE B 48 -20.77 -11.62 -5.25
N ASN B 49 -21.67 -11.31 -4.30
CA ASN B 49 -21.30 -10.51 -3.13
C ASN B 49 -20.37 -11.23 -2.17
N GLY B 50 -20.49 -12.56 -2.11
CA GLY B 50 -19.61 -13.37 -1.28
C GLY B 50 -18.18 -13.30 -1.77
N LYS B 51 -18.01 -13.43 -3.09
CA LYS B 51 -16.70 -13.39 -3.72
C LYS B 51 -16.09 -12.00 -3.59
N LEU B 52 -16.94 -10.98 -3.75
CA LEU B 52 -16.52 -9.59 -3.68
C LEU B 52 -16.03 -9.23 -2.29
N ASN B 53 -16.79 -9.67 -1.28
CA ASN B 53 -16.45 -9.39 0.12
C ASN B 53 -15.27 -10.21 0.64
N ARG B 54 -14.84 -11.21 -0.13
CA ARG B 54 -13.63 -11.96 0.21
C ARG B 54 -12.39 -11.28 -0.35
N VAL B 55 -12.54 -10.60 -1.49
CA VAL B 55 -11.44 -9.97 -2.21
C VAL B 55 -11.15 -8.54 -1.75
N ILE B 56 -12.22 -7.79 -1.47
CA ILE B 56 -12.15 -6.37 -1.10
C ILE B 56 -11.86 -6.19 0.40
N GLU B 57 -11.92 -7.30 1.14
CA GLU B 57 -11.73 -7.29 2.59
C GLU B 57 -10.29 -7.58 3.02
N LYS B 58 -9.90 -7.01 4.16
CA LYS B 58 -8.63 -7.30 4.84
C LYS B 58 -7.41 -6.77 4.09
N THR B 59 -7.20 -5.46 4.16
CA THR B 59 -6.01 -4.85 3.59
C THR B 59 -4.80 -5.21 4.47
N ASN B 60 -3.63 -5.33 3.85
CA ASN B 60 -2.40 -5.59 4.59
C ASN B 60 -1.76 -4.27 5.04
N GLU B 61 -1.53 -4.14 6.34
CA GLU B 61 -0.93 -2.93 6.88
C GLU B 61 0.58 -3.12 7.04
N LYS B 62 1.34 -2.33 6.29
CA LYS B 62 2.80 -2.38 6.33
C LYS B 62 3.36 -1.02 6.75
N PHE B 63 4.54 -1.04 7.35
CA PHE B 63 5.15 0.18 7.88
C PHE B 63 6.57 0.40 7.34
N HIS B 64 7.57 0.30 8.21
CA HIS B 64 8.93 0.44 7.74
C HIS B 64 9.34 -0.77 6.91
N GLN B 65 9.83 -0.52 5.70
CA GLN B 65 10.24 -1.57 4.79
C GLN B 65 11.65 -1.31 4.29
N ILE B 66 11.86 -1.53 2.99
CA ILE B 66 13.14 -1.23 2.36
C ILE B 66 12.98 -0.06 1.40
N GLU B 67 14.08 0.62 1.10
CA GLU B 67 14.05 1.67 0.11
C GLU B 67 13.88 1.05 -1.28
N LYS B 68 13.22 1.77 -2.18
CA LYS B 68 12.86 1.18 -3.47
C LYS B 68 13.27 2.06 -4.65
N GLU B 69 13.67 3.29 -4.36
CA GLU B 69 14.30 4.17 -5.34
C GLU B 69 15.63 4.63 -4.77
N PHE B 70 16.57 4.96 -5.65
CA PHE B 70 17.93 5.25 -5.22
C PHE B 70 18.54 6.39 -6.04
N SER B 71 19.18 7.34 -5.36
CA SER B 71 19.81 8.47 -6.02
C SER B 71 21.27 8.21 -6.39
N GLU B 72 21.85 7.16 -5.80
CA GLU B 72 23.23 6.78 -6.12
C GLU B 72 23.36 5.35 -6.64
N VAL B 73 24.39 5.14 -7.47
CA VAL B 73 24.79 3.80 -7.90
C VAL B 73 25.68 3.20 -6.82
N GLU B 74 25.37 1.97 -6.40
CA GLU B 74 26.08 1.36 -5.27
C GLU B 74 26.52 -0.07 -5.57
N GLY B 75 25.78 -0.75 -6.44
CA GLY B 75 26.12 -2.10 -6.83
C GLY B 75 25.34 -3.21 -6.13
N ARG B 76 26.07 -4.12 -5.52
CA ARG B 76 25.54 -5.39 -5.00
C ARG B 76 24.30 -5.31 -4.11
N ILE B 77 24.37 -4.51 -3.05
CA ILE B 77 23.26 -4.41 -2.11
C ILE B 77 22.02 -3.83 -2.79
N GLN B 78 22.23 -2.83 -3.64
CA GLN B 78 21.12 -2.18 -4.34
C GLN B 78 20.53 -3.11 -5.40
N ASP B 79 21.40 -3.89 -6.03
CA ASP B 79 20.97 -4.93 -6.97
C ASP B 79 19.99 -5.86 -6.27
N LEU B 80 20.36 -6.31 -5.08
CA LEU B 80 19.56 -7.26 -4.31
C LEU B 80 18.23 -6.65 -3.89
N GLU B 81 18.27 -5.39 -3.45
CA GLU B 81 17.06 -4.68 -3.02
C GLU B 81 16.05 -4.57 -4.15
N LYS B 82 16.49 -4.10 -5.30
CA LYS B 82 15.63 -3.95 -6.47
C LYS B 82 15.09 -5.30 -6.93
N TYR B 83 15.96 -6.31 -6.90
CA TYR B 83 15.59 -7.65 -7.34
C TYR B 83 14.55 -8.25 -6.41
N VAL B 84 14.65 -7.97 -5.12
CA VAL B 84 13.68 -8.44 -4.14
C VAL B 84 12.31 -7.82 -4.41
N GLU B 85 12.28 -6.51 -4.60
CA GLU B 85 11.04 -5.80 -4.86
C GLU B 85 10.43 -6.19 -6.20
N ASP B 86 11.28 -6.35 -7.21
CA ASP B 86 10.81 -6.72 -8.55
C ASP B 86 10.26 -8.15 -8.54
N THR B 87 10.91 -9.03 -7.77
CA THR B 87 10.46 -10.40 -7.60
C THR B 87 9.08 -10.43 -6.94
N LYS B 88 8.94 -9.63 -5.87
CA LYS B 88 7.69 -9.53 -5.15
C LYS B 88 6.54 -9.00 -6.01
N ILE B 89 6.83 -7.95 -6.78
CA ILE B 89 5.82 -7.28 -7.60
C ILE B 89 5.32 -8.17 -8.74
N ASP B 90 6.22 -8.91 -9.38
CA ASP B 90 5.85 -9.83 -10.45
C ASP B 90 4.97 -10.96 -9.91
N LEU B 91 5.25 -11.40 -8.69
CA LEU B 91 4.49 -12.49 -8.09
C LEU B 91 3.09 -12.06 -7.68
N TRP B 92 2.97 -10.82 -7.19
CA TRP B 92 1.65 -10.29 -6.83
C TRP B 92 0.84 -9.91 -8.06
N SER B 93 1.53 -9.46 -9.11
CA SER B 93 0.89 -9.16 -10.39
C SER B 93 0.32 -10.44 -10.98
N TYR B 94 1.05 -11.54 -10.82
CA TYR B 94 0.59 -12.83 -11.30
C TYR B 94 -0.64 -13.31 -10.52
N ASN B 95 -0.60 -13.18 -9.20
CA ASN B 95 -1.72 -13.55 -8.35
C ASN B 95 -2.97 -12.76 -8.69
N ALA B 96 -2.78 -11.47 -8.93
CA ALA B 96 -3.86 -10.57 -9.32
C ALA B 96 -4.50 -11.00 -10.64
N GLU B 97 -3.67 -11.32 -11.62
CA GLU B 97 -4.14 -11.74 -12.93
C GLU B 97 -4.91 -13.06 -12.83
N LEU B 98 -4.31 -14.03 -12.15
CA LEU B 98 -4.94 -15.34 -12.01
C LEU B 98 -6.23 -15.25 -11.21
N LEU B 99 -6.25 -14.41 -10.18
CA LEU B 99 -7.41 -14.28 -9.32
C LEU B 99 -8.66 -13.85 -10.09
N VAL B 100 -8.55 -12.75 -10.84
CA VAL B 100 -9.69 -12.23 -11.57
C VAL B 100 -10.15 -13.16 -12.70
N ALA B 101 -9.21 -13.90 -13.28
CA ALA B 101 -9.53 -14.85 -14.34
C ALA B 101 -10.35 -16.01 -13.80
N LEU B 102 -9.93 -16.51 -12.65
CA LEU B 102 -10.65 -17.59 -11.97
C LEU B 102 -12.02 -17.14 -11.48
N GLU B 103 -12.05 -15.97 -10.84
CA GLU B 103 -13.29 -15.42 -10.28
C GLU B 103 -14.32 -15.11 -11.37
N ASN B 104 -13.87 -14.52 -12.47
CA ASN B 104 -14.75 -14.17 -13.58
C ASN B 104 -15.26 -15.42 -14.33
N GLN B 105 -14.39 -16.42 -14.49
CA GLN B 105 -14.81 -17.68 -15.07
C GLN B 105 -15.89 -18.34 -14.21
N HIS B 106 -15.70 -18.29 -12.90
CA HIS B 106 -16.64 -18.86 -11.93
C HIS B 106 -17.94 -18.04 -11.83
N THR B 107 -17.81 -16.73 -11.98
CA THR B 107 -18.96 -15.82 -11.98
C THR B 107 -19.90 -16.12 -13.15
N ILE B 108 -19.31 -16.24 -14.33
CA ILE B 108 -20.05 -16.57 -15.55
C ILE B 108 -20.72 -17.95 -15.42
N ASP B 109 -20.00 -18.91 -14.85
CA ASP B 109 -20.52 -20.27 -14.71
C ASP B 109 -21.65 -20.39 -13.69
N LEU B 110 -21.54 -19.68 -12.57
CA LEU B 110 -22.56 -19.73 -11.53
C LEU B 110 -23.84 -19.03 -11.96
N THR B 111 -23.71 -18.02 -12.81
CA THR B 111 -24.85 -17.27 -13.32
C THR B 111 -25.59 -18.02 -14.42
N ASP B 112 -24.84 -18.72 -15.27
CA ASP B 112 -25.42 -19.65 -16.23
C ASP B 112 -26.18 -20.75 -15.48
N SER B 113 -25.54 -21.27 -14.43
CA SER B 113 -26.10 -22.35 -13.61
C SER B 113 -27.44 -21.98 -12.98
N GLU B 114 -27.55 -20.75 -12.48
CA GLU B 114 -28.80 -20.28 -11.88
C GLU B 114 -29.93 -20.28 -12.90
N MET B 115 -29.63 -19.82 -14.12
CA MET B 115 -30.59 -19.84 -15.21
C MET B 115 -31.10 -21.25 -15.50
N ASN B 116 -30.16 -22.18 -15.64
CA ASN B 116 -30.49 -23.57 -15.90
C ASN B 116 -31.29 -24.21 -14.76
N LYS B 117 -30.93 -23.87 -13.53
CA LYS B 117 -31.61 -24.40 -12.34
C LYS B 117 -33.07 -23.93 -12.26
N LEU B 118 -33.31 -22.69 -12.65
CA LEU B 118 -34.67 -22.18 -12.72
C LEU B 118 -35.46 -22.92 -13.79
N PHE B 119 -34.80 -23.26 -14.90
CA PHE B 119 -35.44 -23.96 -16.00
C PHE B 119 -35.82 -25.39 -15.62
N GLU B 120 -34.90 -26.07 -14.95
CA GLU B 120 -35.14 -27.44 -14.51
C GLU B 120 -36.26 -27.52 -13.47
N LYS B 121 -36.29 -26.58 -12.55
CA LYS B 121 -37.33 -26.54 -11.52
C LYS B 121 -38.71 -26.30 -12.12
N THR B 122 -38.77 -25.41 -13.11
CA THR B 122 -40.02 -25.12 -13.80
C THR B 122 -40.51 -26.35 -14.54
N ARG B 123 -39.59 -27.07 -15.19
CA ARG B 123 -39.92 -28.32 -15.86
C ARG B 123 -40.43 -29.36 -14.87
N ARG B 124 -39.80 -29.39 -13.70
CA ARG B 124 -40.18 -30.36 -12.66
C ARG B 124 -41.60 -30.15 -12.19
N GLN B 125 -42.00 -28.88 -12.04
CA GLN B 125 -43.36 -28.52 -11.67
C GLN B 125 -44.36 -28.98 -12.72
N LEU B 126 -43.99 -28.82 -13.99
CA LEU B 126 -44.93 -29.03 -15.09
C LEU B 126 -45.27 -30.50 -15.36
N ARG B 127 -44.40 -31.41 -14.93
CA ARG B 127 -44.60 -32.85 -15.15
C ARG B 127 -44.89 -33.18 -16.60
N GLU B 128 -46.04 -33.81 -16.85
CA GLU B 128 -46.41 -34.25 -18.19
C GLU B 128 -47.35 -33.27 -18.90
N ASN B 129 -47.51 -32.08 -18.33
CA ASN B 129 -48.44 -31.10 -18.86
C ASN B 129 -47.77 -30.10 -19.80
N ALA B 130 -46.47 -30.24 -20.00
CA ALA B 130 -45.75 -29.34 -20.89
C ALA B 130 -44.60 -30.02 -21.62
N GLU B 131 -44.21 -29.44 -22.75
CA GLU B 131 -43.07 -29.93 -23.51
C GLU B 131 -42.05 -28.83 -23.73
N GLU B 132 -40.79 -29.21 -23.78
CA GLU B 132 -39.70 -28.26 -24.00
C GLU B 132 -39.52 -27.95 -25.47
N MET B 133 -39.71 -26.69 -25.84
CA MET B 133 -39.64 -26.26 -27.23
C MET B 133 -38.20 -26.16 -27.75
N GLY B 134 -37.24 -26.17 -26.84
CA GLY B 134 -35.84 -26.16 -27.25
C GLY B 134 -35.26 -24.76 -27.44
N ASN B 135 -36.00 -23.77 -26.96
CA ASN B 135 -35.54 -22.39 -27.02
C ASN B 135 -35.59 -21.72 -25.66
N GLY B 136 -35.61 -22.52 -24.59
CA GLY B 136 -35.71 -22.00 -23.25
C GLY B 136 -37.15 -21.72 -22.86
N CYS B 137 -38.08 -22.21 -23.68
CA CYS B 137 -39.50 -22.00 -23.42
C CYS B 137 -40.27 -23.31 -23.34
N PHE B 138 -41.33 -23.31 -22.54
CA PHE B 138 -42.23 -24.45 -22.43
C PHE B 138 -43.52 -24.20 -23.19
N LYS B 139 -44.02 -25.23 -23.88
CA LYS B 139 -45.36 -25.18 -24.41
C LYS B 139 -46.29 -25.85 -23.41
N ILE B 140 -47.09 -25.05 -22.70
CA ILE B 140 -48.06 -25.57 -21.75
C ILE B 140 -49.25 -26.16 -22.53
N TYR B 141 -49.47 -27.46 -22.42
CA TYR B 141 -50.53 -28.12 -23.17
C TYR B 141 -51.91 -28.07 -22.53
N HIS B 142 -52.23 -26.95 -21.91
CA HIS B 142 -53.58 -26.74 -21.36
C HIS B 142 -53.87 -25.26 -21.21
N LYS B 143 -55.14 -24.92 -21.00
CA LYS B 143 -55.52 -23.55 -20.71
C LYS B 143 -54.81 -23.10 -19.45
N CYS B 144 -53.97 -22.08 -19.58
CA CYS B 144 -53.24 -21.55 -18.43
C CYS B 144 -53.27 -20.03 -18.44
N ASP B 145 -54.23 -19.46 -17.75
CA ASP B 145 -54.36 -18.00 -17.67
C ASP B 145 -53.27 -17.39 -16.77
N ASN B 146 -53.41 -16.09 -16.49
CA ASN B 146 -52.44 -15.37 -15.66
C ASN B 146 -52.29 -15.92 -14.23
N ALA B 147 -53.38 -16.46 -13.69
CA ALA B 147 -53.34 -17.10 -12.36
C ALA B 147 -52.65 -18.45 -12.42
N CYS B 148 -52.81 -19.15 -13.54
CA CYS B 148 -52.15 -20.42 -13.75
C CYS B 148 -50.64 -20.22 -13.91
N ILE B 149 -50.27 -19.24 -14.72
CA ILE B 149 -48.88 -18.86 -14.91
C ILE B 149 -48.24 -18.46 -13.59
N GLU B 150 -48.95 -17.62 -12.83
CA GLU B 150 -48.44 -17.16 -11.54
C GLU B 150 -48.22 -18.30 -10.55
N SER B 151 -49.09 -19.30 -10.60
CA SER B 151 -48.95 -20.46 -9.71
C SER B 151 -47.69 -21.26 -10.05
N ILE B 152 -47.30 -21.21 -11.32
CA ILE B 152 -46.05 -21.85 -11.76
C ILE B 152 -44.87 -21.03 -11.24
N ARG B 153 -44.97 -19.71 -11.35
CA ARG B 153 -43.91 -18.82 -10.93
C ARG B 153 -43.74 -18.79 -9.41
N ASN B 154 -44.86 -18.73 -8.68
CA ASN B 154 -44.79 -18.78 -7.21
C ASN B 154 -44.76 -20.20 -6.62
N GLY B 155 -44.58 -21.18 -7.49
CA GLY B 155 -44.30 -22.55 -7.07
C GLY B 155 -45.40 -23.33 -6.37
N THR B 156 -46.66 -23.09 -6.75
CA THR B 156 -47.79 -23.79 -6.15
C THR B 156 -48.66 -24.48 -7.21
N TYR B 157 -48.15 -24.53 -8.44
CA TYR B 157 -48.85 -25.16 -9.57
C TYR B 157 -49.24 -26.61 -9.28
N ASP B 158 -50.53 -26.93 -9.48
CA ASP B 158 -51.05 -28.27 -9.25
C ASP B 158 -51.24 -29.00 -10.57
N HIS B 159 -50.28 -29.85 -10.93
CA HIS B 159 -50.25 -30.49 -12.24
C HIS B 159 -51.39 -31.50 -12.47
N ASP B 160 -51.88 -32.10 -11.39
CA ASP B 160 -52.99 -33.05 -11.48
C ASP B 160 -54.25 -32.43 -12.07
N VAL B 161 -54.53 -31.18 -11.69
CA VAL B 161 -55.75 -30.49 -12.10
C VAL B 161 -55.80 -30.21 -13.61
N TYR B 162 -54.64 -30.26 -14.27
CA TYR B 162 -54.54 -30.01 -15.71
C TYR B 162 -54.08 -31.23 -16.49
N ARG B 163 -53.69 -32.29 -15.77
CA ARG B 163 -53.00 -33.43 -16.38
C ARG B 163 -53.76 -34.12 -17.53
N ASN B 164 -55.03 -34.40 -17.29
CA ASN B 164 -55.85 -35.09 -18.30
C ASN B 164 -56.10 -34.24 -19.54
N GLU B 165 -56.38 -32.95 -19.34
CA GLU B 165 -56.54 -32.02 -20.44
C GLU B 165 -55.26 -31.91 -21.27
N ALA B 166 -54.12 -32.02 -20.59
CA ALA B 166 -52.82 -31.86 -21.22
C ALA B 166 -52.42 -33.06 -22.10
N LEU B 167 -52.69 -34.27 -21.60
CA LEU B 167 -52.34 -35.49 -22.31
C LEU B 167 -53.11 -35.64 -23.63
N ASN B 168 -54.39 -35.26 -23.60
CA ASN B 168 -55.23 -35.27 -24.80
C ASN B 168 -54.70 -34.30 -25.87
N ASN B 169 -54.30 -33.10 -25.45
CA ASN B 169 -53.69 -32.13 -26.35
C ASN B 169 -52.34 -32.60 -26.89
N ARG B 170 -51.53 -33.19 -26.01
CA ARG B 170 -50.23 -33.71 -26.38
C ARG B 170 -50.28 -34.89 -27.34
N PHE B 171 -51.03 -35.92 -26.95
CA PHE B 171 -50.99 -37.22 -27.62
C PHE B 171 -52.08 -37.43 -28.67
N GLN B 172 -53.34 -37.28 -28.27
CA GLN B 172 -54.46 -37.44 -29.21
C GLN B 172 -54.57 -36.25 -30.15
#